data_5NL6
#
_entry.id   5NL6
#
_cell.length_a   46.084
_cell.length_b   59.978
_cell.length_c   187.253
_cell.angle_alpha   90.00
_cell.angle_beta   90.00
_cell.angle_gamma   90.00
#
_symmetry.space_group_name_H-M   'P 21 21 21'
#
loop_
_entity.id
_entity.type
_entity.pdbx_description
1 polymer 'Calponin domain family protein'
2 non-polymer BETA-MERCAPTOETHANOL
3 water water
#
_entity_poly.entity_id   1
_entity_poly.type   'polypeptide(L)'
_entity_poly.pdbx_seq_one_letter_code
;GPAMRAGNFLDFLRATEGMVHDYEQRAQALKENIEAAINKMNGVEPSDEYHQVKEQINETKNYRKGDKRAFIKEQGDLAT
LFGQINSKLRGMKRPVYVAPEGLDPKSLEGYIANISEAERALRSKLNTAMRNCLIALRKAFADPANATDAKINEYRTFVT
DETSEAPLEEQVATLKAKLEELKQVEAQLPPIEEAEKACEDANIEDNEYTDVSFDDLQFNYEQTVSMFEKKIVYIEAQIN
EASSG
;
_entity_poly.pdbx_strand_id   A,B
#
# COMPACT_ATOMS: atom_id res chain seq x y z
N ASN A 8 -50.15 -33.57 24.06
CA ASN A 8 -50.93 -34.49 23.25
C ASN A 8 -50.50 -34.47 21.77
N PHE A 9 -51.03 -35.43 20.99
CA PHE A 9 -50.48 -35.69 19.66
C PHE A 9 -50.79 -34.57 18.66
N LEU A 10 -52.00 -34.01 18.71
CA LEU A 10 -52.32 -32.93 17.76
C LEU A 10 -51.51 -31.66 18.03
N ASP A 11 -51.16 -31.39 19.29
CA ASP A 11 -50.27 -30.26 19.59
C ASP A 11 -48.88 -30.49 19.00
N PHE A 12 -48.38 -31.72 19.08
CA PHE A 12 -47.06 -32.02 18.53
C PHE A 12 -47.04 -31.83 17.02
N LEU A 13 -48.08 -32.32 16.34
CA LEU A 13 -48.17 -32.19 14.90
C LEU A 13 -48.27 -30.72 14.50
N ARG A 14 -49.13 -29.96 15.19
CA ARG A 14 -49.24 -28.53 14.90
C ARG A 14 -47.92 -27.82 15.17
N ALA A 15 -47.24 -28.15 16.26
CA ALA A 15 -45.98 -27.47 16.57
C ALA A 15 -44.90 -27.80 15.55
N THR A 16 -44.82 -29.06 15.12
CA THR A 16 -43.79 -29.44 14.15
C THR A 16 -44.12 -28.91 12.76
N GLU A 17 -45.40 -28.83 12.40
CA GLU A 17 -45.81 -28.15 11.17
C GLU A 17 -45.42 -26.68 11.16
N GLY A 18 -45.62 -25.98 12.27
CA GLY A 18 -45.21 -24.59 12.34
C GLY A 18 -43.71 -24.41 12.21
N MET A 19 -42.93 -25.35 12.75
CA MET A 19 -41.47 -25.31 12.58
C MET A 19 -41.08 -25.51 11.12
N VAL A 20 -41.73 -26.47 10.46
CA VAL A 20 -41.52 -26.68 9.02
C VAL A 20 -41.89 -25.43 8.24
N HIS A 21 -43.03 -24.82 8.56
CA HIS A 21 -43.45 -23.62 7.85
C HIS A 21 -42.46 -22.48 8.08
N ASP A 22 -41.92 -22.36 9.30
CA ASP A 22 -40.92 -21.33 9.56
C ASP A 22 -39.63 -21.63 8.79
N TYR A 23 -39.19 -22.89 8.79
CA TYR A 23 -37.98 -23.27 8.07
C TYR A 23 -38.10 -22.93 6.59
N GLU A 24 -39.20 -23.34 5.96
CA GLU A 24 -39.34 -23.19 4.51
C GLU A 24 -39.37 -21.71 4.11
N GLN A 25 -40.11 -20.90 4.87
CA GLN A 25 -40.19 -19.47 4.60
C GLN A 25 -38.83 -18.78 4.79
N ARG A 26 -38.10 -19.12 5.86
CA ARG A 26 -36.80 -18.49 6.09
C ARG A 26 -35.76 -18.99 5.10
N ALA A 27 -35.83 -20.26 4.70
CA ALA A 27 -34.83 -20.79 3.76
C ALA A 27 -34.97 -20.13 2.40
N GLN A 28 -36.22 -19.94 1.96
CA GLN A 28 -36.50 -19.25 0.70
C GLN A 28 -36.05 -17.80 0.78
N ALA A 29 -36.35 -17.12 1.88
CA ALA A 29 -35.92 -15.73 2.02
C ALA A 29 -34.40 -15.63 2.03
N LEU A 30 -33.74 -16.58 2.69
CA LEU A 30 -32.28 -16.58 2.69
C LEU A 30 -31.75 -16.73 1.28
N LYS A 31 -32.29 -17.69 0.53
CA LYS A 31 -31.85 -17.92 -0.84
CA LYS A 31 -31.84 -17.92 -0.84
C LYS A 31 -32.02 -16.66 -1.68
N GLU A 32 -33.18 -16.00 -1.55
CA GLU A 32 -33.43 -14.78 -2.33
C GLU A 32 -32.48 -13.67 -1.91
N ASN A 33 -32.21 -13.54 -0.62
CA ASN A 33 -31.30 -12.50 -0.15
C ASN A 33 -29.88 -12.74 -0.64
N ILE A 34 -29.39 -13.98 -0.55
CA ILE A 34 -28.05 -14.25 -1.05
C ILE A 34 -27.99 -13.98 -2.55
N GLU A 35 -29.00 -14.45 -3.28
CA GLU A 35 -29.08 -14.21 -4.72
C GLU A 35 -28.94 -12.72 -5.06
N ALA A 36 -29.68 -11.86 -4.35
CA ALA A 36 -29.60 -10.42 -4.61
C ALA A 36 -28.20 -9.88 -4.29
N ALA A 37 -27.59 -10.34 -3.20
CA ALA A 37 -26.28 -9.84 -2.81
C ALA A 37 -25.19 -10.35 -3.73
N ILE A 38 -25.28 -11.61 -4.18
CA ILE A 38 -24.25 -12.10 -5.09
C ILE A 38 -24.35 -11.41 -6.45
N ASN A 39 -25.58 -11.20 -6.96
CA ASN A 39 -25.76 -10.47 -8.20
C ASN A 39 -25.24 -9.05 -8.07
N LYS A 40 -25.47 -8.41 -6.92
CA LYS A 40 -24.94 -7.07 -6.72
C LYS A 40 -23.42 -7.07 -6.82
N MET A 41 -22.76 -8.06 -6.21
CA MET A 41 -21.29 -8.11 -6.24
C MET A 41 -20.79 -8.30 -7.65
N ASN A 42 -21.39 -9.25 -8.37
CA ASN A 42 -20.97 -9.55 -9.73
C ASN A 42 -21.26 -8.41 -10.69
N GLY A 43 -22.19 -7.53 -10.35
CA GLY A 43 -22.47 -6.37 -11.18
C GLY A 43 -21.55 -5.17 -10.98
N VAL A 44 -20.72 -5.19 -9.94
CA VAL A 44 -19.86 -4.05 -9.65
C VAL A 44 -18.80 -3.92 -10.73
N GLU A 45 -18.66 -2.72 -11.26
CA GLU A 45 -17.61 -2.44 -12.22
C GLU A 45 -16.56 -1.56 -11.55
N PRO A 46 -15.35 -2.08 -11.31
CA PRO A 46 -14.34 -1.28 -10.59
C PRO A 46 -13.99 -0.01 -11.35
N SER A 47 -13.95 1.10 -10.62
CA SER A 47 -13.56 2.37 -11.21
C SER A 47 -12.08 2.36 -11.56
N ASP A 48 -11.65 3.42 -12.26
CA ASP A 48 -10.24 3.68 -12.47
C ASP A 48 -9.80 4.97 -11.81
N GLU A 49 -10.69 5.60 -11.03
CA GLU A 49 -10.36 6.80 -10.27
C GLU A 49 -10.20 6.44 -8.79
N TYR A 50 -9.22 7.06 -8.14
CA TYR A 50 -8.74 6.58 -6.85
C TYR A 50 -9.85 6.58 -5.79
N HIS A 51 -10.48 7.72 -5.56
CA HIS A 51 -11.43 7.81 -4.46
C HIS A 51 -12.66 6.96 -4.71
N GLN A 52 -13.01 6.71 -5.98
CA GLN A 52 -14.15 5.85 -6.27
C GLN A 52 -13.83 4.39 -5.93
N VAL A 53 -12.63 3.93 -6.29
CA VAL A 53 -12.27 2.55 -5.97
C VAL A 53 -12.21 2.36 -4.46
N LYS A 54 -11.70 3.37 -3.74
CA LYS A 54 -11.59 3.27 -2.29
C LYS A 54 -12.97 3.15 -1.65
N GLU A 55 -13.95 3.87 -2.18
CA GLU A 55 -15.32 3.72 -1.70
C GLU A 55 -15.89 2.36 -2.07
N GLN A 56 -15.62 1.89 -3.28
CA GLN A 56 -16.05 0.55 -3.68
C GLN A 56 -15.47 -0.50 -2.75
N ILE A 57 -14.19 -0.38 -2.42
CA ILE A 57 -13.57 -1.26 -1.44
C ILE A 57 -14.25 -1.10 -0.09
N ASN A 58 -14.56 0.13 0.31
CA ASN A 58 -15.24 0.32 1.59
C ASN A 58 -16.63 -0.29 1.59
N GLU A 59 -17.29 -0.30 0.44
CA GLU A 59 -18.61 -0.92 0.34
C GLU A 59 -18.54 -2.41 0.63
N THR A 60 -17.46 -3.08 0.20
CA THR A 60 -17.31 -4.50 0.50
C THR A 60 -17.21 -4.75 2.00
N LYS A 61 -16.70 -3.78 2.76
CA LYS A 61 -16.60 -3.94 4.21
C LYS A 61 -17.97 -3.85 4.88
N ASN A 62 -18.90 -3.09 4.29
CA ASN A 62 -20.27 -3.07 4.79
C ASN A 62 -20.92 -4.43 4.64
N TYR A 63 -20.65 -5.12 3.54
CA TYR A 63 -21.19 -6.46 3.41
C TYR A 63 -20.56 -7.40 4.44
N ARG A 64 -19.23 -7.33 4.61
CA ARG A 64 -18.52 -8.25 5.49
C ARG A 64 -18.98 -8.11 6.94
N LYS A 65 -19.30 -6.89 7.37
CA LYS A 65 -19.74 -6.66 8.73
C LYS A 65 -21.25 -6.82 8.91
N GLY A 66 -22.01 -6.77 7.82
CA GLY A 66 -23.45 -6.74 7.90
C GLY A 66 -24.11 -8.02 7.44
N ASP A 67 -24.59 -8.04 6.20
CA ASP A 67 -25.35 -9.18 5.68
C ASP A 67 -24.52 -10.46 5.66
N LYS A 68 -23.19 -10.34 5.53
CA LYS A 68 -22.38 -11.54 5.45
C LYS A 68 -22.56 -12.39 6.70
N ARG A 69 -22.47 -11.75 7.87
CA ARG A 69 -22.70 -12.45 9.13
C ARG A 69 -24.14 -12.86 9.27
N ALA A 70 -25.07 -12.00 8.83
CA ALA A 70 -26.49 -12.35 8.92
C ALA A 70 -26.78 -13.62 8.13
N PHE A 71 -26.23 -13.71 6.92
CA PHE A 71 -26.44 -14.90 6.09
C PHE A 71 -25.85 -16.14 6.77
N ILE A 72 -24.63 -16.04 7.28
CA ILE A 72 -23.95 -17.20 7.85
C ILE A 72 -24.70 -17.68 9.10
N LYS A 73 -25.08 -16.76 9.97
CA LYS A 73 -25.82 -17.13 11.16
C LYS A 73 -27.15 -17.79 10.81
N GLU A 74 -27.85 -17.24 9.82
CA GLU A 74 -29.17 -17.76 9.46
C GLU A 74 -29.04 -19.13 8.81
N GLN A 75 -27.99 -19.36 8.02
CA GLN A 75 -27.79 -20.71 7.50
C GLN A 75 -27.56 -21.70 8.64
N GLY A 76 -26.71 -21.34 9.60
CA GLY A 76 -26.48 -22.23 10.73
C GLY A 76 -27.72 -22.44 11.58
N ASP A 77 -28.48 -21.36 11.80
CA ASP A 77 -29.73 -21.47 12.56
C ASP A 77 -30.73 -22.36 11.85
N LEU A 78 -30.82 -22.26 10.53
CA LEU A 78 -31.74 -23.12 9.79
C LEU A 78 -31.26 -24.57 9.78
N ALA A 79 -29.95 -24.79 9.67
CA ALA A 79 -29.46 -26.16 9.72
C ALA A 79 -29.80 -26.78 11.07
N THR A 80 -29.66 -26.00 12.14
CA THR A 80 -30.08 -26.48 13.47
C THR A 80 -31.56 -26.81 13.47
N LEU A 81 -32.39 -25.90 12.95
CA LEU A 81 -33.83 -26.10 12.97
C LEU A 81 -34.24 -27.33 12.16
N PHE A 82 -33.63 -27.52 10.99
CA PHE A 82 -33.91 -28.71 10.21
C PHE A 82 -33.58 -29.97 11.02
N GLY A 83 -32.41 -29.98 11.68
CA GLY A 83 -32.07 -31.13 12.51
C GLY A 83 -33.05 -31.32 13.66
N GLN A 84 -33.49 -30.20 14.25
CA GLN A 84 -34.43 -30.27 15.35
C GLN A 84 -35.78 -30.84 14.88
N ILE A 85 -36.29 -30.35 13.76
CA ILE A 85 -37.53 -30.89 13.21
C ILE A 85 -37.43 -32.40 13.08
N ASN A 86 -36.36 -32.89 12.45
CA ASN A 86 -36.28 -34.31 12.18
C ASN A 86 -35.97 -35.09 13.45
N SER A 87 -35.33 -34.45 14.43
CA SER A 87 -35.16 -35.04 15.75
C SER A 87 -36.52 -35.33 16.39
N LYS A 88 -37.40 -34.34 16.40
CA LYS A 88 -38.69 -34.52 17.03
C LYS A 88 -39.53 -35.53 16.27
N LEU A 89 -39.44 -35.54 14.94
CA LEU A 89 -40.22 -36.49 14.17
C LEU A 89 -39.76 -37.91 14.42
N ARG A 90 -38.43 -38.12 14.45
CA ARG A 90 -37.87 -39.43 14.78
C ARG A 90 -38.38 -39.93 16.13
N GLY A 91 -38.34 -39.06 17.14
CA GLY A 91 -38.75 -39.45 18.47
C GLY A 91 -40.20 -39.87 18.55
N MET A 92 -41.04 -39.32 17.67
CA MET A 92 -42.44 -39.69 17.63
C MET A 92 -42.75 -40.68 16.51
N LYS A 93 -41.73 -41.25 15.88
CA LYS A 93 -41.93 -42.26 14.84
C LYS A 93 -42.81 -41.72 13.72
N ARG A 94 -42.53 -40.50 13.30
CA ARG A 94 -43.19 -39.83 12.19
C ARG A 94 -42.34 -39.93 10.95
N PRO A 95 -42.92 -39.73 9.76
CA PRO A 95 -42.09 -39.68 8.55
C PRO A 95 -41.07 -38.55 8.65
N VAL A 96 -39.95 -38.73 7.96
CA VAL A 96 -38.93 -37.70 7.94
C VAL A 96 -39.45 -36.47 7.20
N TYR A 97 -38.95 -35.31 7.58
CA TYR A 97 -39.22 -34.07 6.89
C TYR A 97 -38.16 -33.87 5.83
N VAL A 98 -38.60 -33.64 4.59
CA VAL A 98 -37.71 -33.37 3.46
C VAL A 98 -38.00 -31.96 2.97
N ALA A 99 -36.98 -31.10 2.99
CA ALA A 99 -37.16 -29.72 2.60
C ALA A 99 -37.43 -29.61 1.09
N PRO A 100 -38.06 -28.52 0.65
CA PRO A 100 -38.24 -28.33 -0.79
C PRO A 100 -36.90 -28.31 -1.52
N GLU A 101 -36.94 -28.74 -2.78
CA GLU A 101 -35.74 -28.80 -3.59
C GLU A 101 -34.98 -27.49 -3.53
N GLY A 102 -33.66 -27.58 -3.28
CA GLY A 102 -32.80 -26.41 -3.17
C GLY A 102 -32.89 -25.63 -1.88
N LEU A 103 -33.70 -26.05 -0.92
CA LEU A 103 -33.80 -25.33 0.34
C LEU A 103 -33.34 -26.17 1.54
N ASP A 104 -32.83 -27.37 1.31
CA ASP A 104 -32.30 -28.16 2.41
C ASP A 104 -31.06 -27.46 2.99
N PRO A 105 -30.65 -27.83 4.21
CA PRO A 105 -29.49 -27.16 4.81
C PRO A 105 -28.22 -27.26 3.97
N LYS A 106 -27.97 -28.38 3.30
CA LYS A 106 -26.75 -28.47 2.50
C LYS A 106 -26.79 -27.55 1.29
N SER A 107 -27.94 -27.45 0.60
CA SER A 107 -28.08 -26.44 -0.45
C SER A 107 -27.82 -25.04 0.09
N LEU A 108 -28.39 -24.72 1.25
CA LEU A 108 -28.17 -23.39 1.81
C LEU A 108 -26.71 -23.17 2.13
N GLU A 109 -26.04 -24.20 2.64
CA GLU A 109 -24.59 -24.13 2.85
C GLU A 109 -23.86 -23.85 1.54
N GLY A 110 -24.30 -24.47 0.45
CA GLY A 110 -23.66 -24.23 -0.83
C GLY A 110 -23.84 -22.81 -1.32
N TYR A 111 -24.98 -22.18 -1.01
CA TYR A 111 -25.20 -20.77 -1.37
C TYR A 111 -24.28 -19.85 -0.58
N ILE A 112 -24.01 -20.20 0.68
CA ILE A 112 -23.03 -19.46 1.47
C ILE A 112 -21.65 -19.53 0.82
N ALA A 113 -21.27 -20.71 0.34
CA ALA A 113 -20.00 -20.84 -0.37
C ALA A 113 -20.00 -20.04 -1.67
N ASN A 114 -21.12 -20.07 -2.42
CA ASN A 114 -21.23 -19.27 -3.62
C ASN A 114 -20.95 -17.80 -3.35
N ILE A 115 -21.61 -17.21 -2.36
CA ILE A 115 -21.42 -15.78 -2.17
C ILE A 115 -20.04 -15.51 -1.59
N SER A 116 -19.52 -16.44 -0.80
CA SER A 116 -18.16 -16.30 -0.33
C SER A 116 -17.17 -16.25 -1.49
N GLU A 117 -17.35 -17.12 -2.48
CA GLU A 117 -16.52 -17.05 -3.67
C GLU A 117 -16.70 -15.73 -4.38
N ALA A 118 -17.95 -15.28 -4.56
CA ALA A 118 -18.18 -14.00 -5.23
C ALA A 118 -17.56 -12.85 -4.45
N GLU A 119 -17.56 -12.93 -3.12
CA GLU A 119 -16.99 -11.87 -2.29
C GLU A 119 -15.47 -11.78 -2.50
N ARG A 120 -14.79 -12.93 -2.45
CA ARG A 120 -13.34 -12.92 -2.69
C ARG A 120 -13.03 -12.43 -4.09
N ALA A 121 -13.79 -12.88 -5.09
CA ALA A 121 -13.52 -12.47 -6.46
C ALA A 121 -13.73 -10.96 -6.62
N LEU A 122 -14.76 -10.40 -5.99
CA LEU A 122 -14.94 -8.95 -6.07
C LEU A 122 -13.78 -8.22 -5.41
N ARG A 123 -13.38 -8.67 -4.23
CA ARG A 123 -12.29 -8.00 -3.51
CA ARG A 123 -12.29 -8.00 -3.51
C ARG A 123 -11.00 -8.03 -4.31
N SER A 124 -10.74 -9.17 -4.96
CA SER A 124 -9.50 -9.31 -5.71
C SER A 124 -9.45 -8.33 -6.89
N LYS A 125 -10.56 -8.25 -7.66
CA LYS A 125 -10.58 -7.32 -8.79
C LYS A 125 -10.55 -5.86 -8.34
N LEU A 126 -11.11 -5.55 -7.16
CA LEU A 126 -11.02 -4.19 -6.65
C LEU A 126 -9.60 -3.86 -6.23
N ASN A 127 -8.91 -4.83 -5.63
CA ASN A 127 -7.51 -4.63 -5.27
C ASN A 127 -6.65 -4.44 -6.52
N THR A 128 -6.93 -5.18 -7.58
CA THR A 128 -6.17 -5.00 -8.81
C THR A 128 -6.40 -3.60 -9.37
N ALA A 129 -7.66 -3.17 -9.40
CA ALA A 129 -7.98 -1.84 -9.92
C ALA A 129 -7.34 -0.76 -9.08
N MET A 130 -7.17 -1.01 -7.78
CA MET A 130 -6.54 -0.04 -6.90
C MET A 130 -5.04 0.07 -7.18
N ARG A 131 -4.37 -1.06 -7.35
CA ARG A 131 -2.94 -1.01 -7.66
C ARG A 131 -2.69 -0.35 -9.01
N ASN A 132 -3.50 -0.67 -10.01
CA ASN A 132 -3.33 -0.03 -11.32
C ASN A 132 -3.61 1.46 -11.25
N CYS A 133 -4.59 1.86 -10.43
CA CYS A 133 -4.84 3.27 -10.21
CA CYS A 133 -4.85 3.28 -10.19
C CYS A 133 -3.62 3.97 -9.62
N LEU A 134 -2.98 3.34 -8.64
CA LEU A 134 -1.80 3.91 -7.99
C LEU A 134 -0.62 3.96 -8.95
N ILE A 135 -0.47 2.94 -9.80
CA ILE A 135 0.59 2.96 -10.81
C ILE A 135 0.36 4.10 -11.79
N ALA A 136 -0.91 4.38 -12.14
CA ALA A 136 -1.19 5.48 -13.05
C ALA A 136 -0.88 6.82 -12.40
N LEU A 137 -1.28 6.99 -11.13
CA LEU A 137 -0.95 8.22 -10.41
C LEU A 137 0.55 8.45 -10.34
N ARG A 138 1.32 7.38 -10.08
CA ARG A 138 2.77 7.50 -10.08
C ARG A 138 3.28 7.96 -11.45
N LYS A 139 2.83 7.31 -12.52
CA LYS A 139 3.30 7.67 -13.86
C LYS A 139 2.86 9.08 -14.24
N ALA A 140 1.67 9.49 -13.79
CA ALA A 140 1.19 10.84 -14.09
C ALA A 140 2.14 11.89 -13.52
N PHE A 141 2.75 11.61 -12.37
CA PHE A 141 3.78 12.53 -11.89
C PHE A 141 5.11 12.27 -12.57
N ALA A 142 5.49 10.99 -12.73
CA ALA A 142 6.85 10.68 -13.14
C ALA A 142 7.15 11.20 -14.54
N ASP A 143 6.28 10.93 -15.50
CA ASP A 143 6.58 11.24 -16.89
C ASP A 143 6.89 12.72 -17.09
N PRO A 144 6.00 13.67 -16.76
CA PRO A 144 6.38 15.08 -16.92
C PRO A 144 7.47 15.52 -15.97
N ALA A 145 7.58 14.90 -14.79
CA ALA A 145 8.68 15.25 -13.88
C ALA A 145 10.03 14.85 -14.46
N ASN A 146 10.11 13.66 -15.06
CA ASN A 146 11.35 13.25 -15.70
C ASN A 146 11.65 14.12 -16.92
N ALA A 147 10.63 14.44 -17.71
CA ALA A 147 10.81 15.33 -18.85
C ALA A 147 11.37 16.67 -18.41
N THR A 148 10.76 17.29 -17.39
CA THR A 148 11.12 18.65 -17.02
C THR A 148 12.49 18.68 -16.35
N ASP A 149 12.79 17.68 -15.54
CA ASP A 149 14.12 17.57 -14.96
C ASP A 149 15.20 17.51 -16.03
N ALA A 150 15.01 16.67 -17.05
CA ALA A 150 16.00 16.58 -18.12
C ALA A 150 16.12 17.88 -18.89
N LYS A 151 15.01 18.61 -19.03
CA LYS A 151 15.03 19.86 -19.78
C LYS A 151 15.79 20.95 -19.00
N ILE A 152 15.56 21.04 -17.70
CA ILE A 152 16.34 21.94 -16.86
C ILE A 152 17.82 21.59 -16.92
N ASN A 153 18.14 20.30 -16.81
CA ASN A 153 19.53 19.88 -16.79
C ASN A 153 20.25 20.24 -18.08
N GLU A 154 19.53 20.30 -19.21
CA GLU A 154 20.14 20.79 -20.43
C GLU A 154 20.65 22.22 -20.25
N TYR A 155 19.81 23.07 -19.66
CA TYR A 155 20.20 24.45 -19.42
C TYR A 155 21.26 24.55 -18.33
N ARG A 156 21.22 23.65 -17.33
CA ARG A 156 22.27 23.60 -16.33
C ARG A 156 23.63 23.30 -16.97
N THR A 157 23.66 22.34 -17.89
CA THR A 157 24.88 22.02 -18.62
C THR A 157 25.41 23.23 -19.39
N PHE A 158 24.51 23.96 -20.06
CA PHE A 158 24.98 25.10 -20.84
C PHE A 158 25.61 26.16 -19.95
N VAL A 159 24.92 26.57 -18.88
CA VAL A 159 25.43 27.67 -18.07
C VAL A 159 26.72 27.30 -17.33
N THR A 160 26.95 26.02 -17.06
CA THR A 160 28.17 25.58 -16.39
C THR A 160 29.34 25.34 -17.34
N ASP A 161 29.12 25.46 -18.65
CA ASP A 161 30.21 25.24 -19.59
C ASP A 161 31.15 26.43 -19.56
N GLU A 162 32.45 26.16 -19.39
CA GLU A 162 33.45 27.20 -19.33
C GLU A 162 34.29 27.29 -20.60
N THR A 163 33.83 26.69 -21.69
CA THR A 163 34.69 26.47 -22.85
C THR A 163 34.53 27.54 -23.94
N SER A 164 33.58 28.46 -23.82
CA SER A 164 33.34 29.41 -24.90
C SER A 164 34.56 30.31 -25.12
N GLU A 165 34.93 30.48 -26.39
CA GLU A 165 35.94 31.46 -26.78
C GLU A 165 35.35 32.59 -27.60
N ALA A 166 34.01 32.71 -27.61
CA ALA A 166 33.33 33.75 -28.35
C ALA A 166 33.54 35.11 -27.68
N PRO A 167 33.35 36.21 -28.40
CA PRO A 167 33.40 37.53 -27.77
C PRO A 167 32.39 37.62 -26.63
N LEU A 168 32.72 38.45 -25.64
CA LEU A 168 31.90 38.54 -24.42
C LEU A 168 30.46 38.92 -24.74
N GLU A 169 30.26 39.88 -25.64
CA GLU A 169 28.90 40.32 -25.97
C GLU A 169 28.09 39.19 -26.58
N GLU A 170 28.72 38.35 -27.42
CA GLU A 170 28.00 37.20 -27.95
C GLU A 170 27.68 36.19 -26.86
N GLN A 171 28.63 35.95 -25.94
CA GLN A 171 28.35 35.08 -24.80
C GLN A 171 27.13 35.57 -24.03
N VAL A 172 27.07 36.87 -23.74
CA VAL A 172 25.95 37.43 -22.97
C VAL A 172 24.63 37.30 -23.74
N ALA A 173 24.63 37.69 -25.02
CA ALA A 173 23.41 37.52 -25.83
C ALA A 173 22.95 36.07 -25.85
N THR A 174 23.90 35.13 -26.04
CA THR A 174 23.53 33.73 -26.04
C THR A 174 23.01 33.30 -24.68
N LEU A 175 23.65 33.75 -23.60
CA LEU A 175 23.19 33.37 -22.26
C LEU A 175 21.80 33.94 -21.97
N LYS A 176 21.56 35.20 -22.34
CA LYS A 176 20.25 35.81 -22.13
C LYS A 176 19.18 35.08 -22.92
N ALA A 177 19.49 34.66 -24.14
CA ALA A 177 18.51 33.96 -24.96
C ALA A 177 18.17 32.59 -24.38
N LYS A 178 19.18 31.88 -23.86
CA LYS A 178 18.91 30.58 -23.23
C LYS A 178 18.12 30.75 -21.94
N LEU A 179 18.41 31.78 -21.16
CA LEU A 179 17.66 32.02 -19.94
C LEU A 179 16.18 32.23 -20.24
N GLU A 180 15.89 33.08 -21.23
CA GLU A 180 14.50 33.26 -21.64
C GLU A 180 13.86 31.93 -22.03
N GLU A 181 14.62 31.07 -22.70
CA GLU A 181 14.12 29.74 -23.02
C GLU A 181 13.79 28.97 -21.74
N LEU A 182 14.76 28.90 -20.82
CA LEU A 182 14.56 28.14 -19.59
C LEU A 182 13.35 28.65 -18.81
N LYS A 183 13.13 29.98 -18.79
CA LYS A 183 12.06 30.53 -17.97
C LYS A 183 10.69 30.01 -18.40
N GLN A 184 10.56 29.47 -19.61
CA GLN A 184 9.30 28.88 -20.03
C GLN A 184 8.95 27.66 -19.19
N VAL A 185 9.97 26.98 -18.63
CA VAL A 185 9.72 25.81 -17.81
C VAL A 185 8.88 26.15 -16.58
N GLU A 186 9.01 27.38 -16.07
CA GLU A 186 8.32 27.75 -14.83
C GLU A 186 6.81 27.48 -14.91
N ALA A 187 6.21 27.72 -16.07
CA ALA A 187 4.78 27.50 -16.21
C ALA A 187 4.41 26.03 -16.28
N GLN A 188 5.38 25.15 -16.58
CA GLN A 188 5.10 23.72 -16.65
C GLN A 188 5.16 23.02 -15.29
N LEU A 189 5.55 23.73 -14.23
CA LEU A 189 5.72 23.16 -12.89
C LEU A 189 4.41 22.97 -12.13
N PRO A 190 3.47 23.92 -12.15
CA PRO A 190 2.22 23.78 -11.37
C PRO A 190 1.49 22.47 -11.64
N PRO A 191 1.34 22.03 -12.90
CA PRO A 191 0.68 20.73 -13.10
C PRO A 191 1.46 19.57 -12.53
N ILE A 192 2.80 19.67 -12.48
CA ILE A 192 3.61 18.59 -11.93
C ILE A 192 3.44 18.51 -10.42
N GLU A 193 3.34 19.67 -9.76
CA GLU A 193 3.05 19.67 -8.33
C GLU A 193 1.68 19.07 -8.04
N GLU A 194 0.69 19.41 -8.86
CA GLU A 194 -0.64 18.84 -8.71
C GLU A 194 -0.60 17.32 -8.80
N ALA A 195 0.12 16.79 -9.79
CA ALA A 195 0.22 15.33 -9.91
C ALA A 195 0.82 14.71 -8.65
N GLU A 196 1.83 15.35 -8.06
CA GLU A 196 2.42 14.83 -6.83
C GLU A 196 1.42 14.88 -5.67
N LYS A 197 0.65 15.97 -5.58
CA LYS A 197 -0.34 16.08 -4.52
C LYS A 197 -1.41 15.00 -4.67
N ALA A 198 -1.79 14.67 -5.91
CA ALA A 198 -2.72 13.57 -6.12
C ALA A 198 -2.11 12.26 -5.65
N CYS A 199 -0.79 12.10 -5.79
CA CYS A 199 -0.15 10.90 -5.27
C CYS A 199 -0.25 10.86 -3.74
N GLU A 200 -0.01 11.98 -3.08
CA GLU A 200 -0.08 12.03 -1.63
C GLU A 200 -1.52 11.90 -1.13
N ASP A 201 -2.50 12.36 -1.91
CA ASP A 201 -3.90 12.15 -1.57
C ASP A 201 -4.25 10.66 -1.53
N ALA A 202 -3.61 9.87 -2.39
CA ALA A 202 -3.78 8.43 -2.39
C ALA A 202 -2.81 7.74 -1.43
N ASN A 203 -2.05 8.52 -0.67
CA ASN A 203 -1.07 8.02 0.31
C ASN A 203 0.01 7.17 -0.35
N ILE A 204 0.40 7.55 -1.56
CA ILE A 204 1.51 6.89 -2.27
C ILE A 204 2.83 7.41 -1.68
N GLU A 205 3.73 6.48 -1.36
CA GLU A 205 4.97 6.84 -0.67
C GLU A 205 6.22 6.34 -1.39
N ASP A 206 6.08 5.83 -2.61
CA ASP A 206 7.23 5.42 -3.41
C ASP A 206 6.90 5.68 -4.87
N ASN A 207 7.93 5.89 -5.67
CA ASN A 207 7.71 6.04 -7.11
C ASN A 207 8.94 5.48 -7.83
N GLU A 208 8.86 4.21 -8.21
CA GLU A 208 9.95 3.57 -8.92
C GLU A 208 10.24 4.24 -10.26
N TYR A 209 9.32 5.05 -10.76
CA TYR A 209 9.39 5.59 -12.11
C TYR A 209 10.13 6.92 -12.21
N THR A 210 10.42 7.56 -11.08
CA THR A 210 11.19 8.80 -11.08
C THR A 210 12.11 8.84 -9.87
N ASP A 211 13.23 9.53 -10.03
CA ASP A 211 14.17 9.78 -8.95
C ASP A 211 14.14 11.25 -8.51
N VAL A 212 13.09 11.97 -8.85
CA VAL A 212 12.96 13.38 -8.50
C VAL A 212 11.60 13.59 -7.84
N SER A 213 11.57 14.43 -6.80
CA SER A 213 10.35 14.95 -6.22
C SER A 213 10.02 16.31 -6.85
N PHE A 214 8.85 16.85 -6.53
CA PHE A 214 8.53 18.14 -7.10
C PHE A 214 9.41 19.25 -6.54
N ASP A 215 9.79 19.13 -5.27
CA ASP A 215 10.67 20.14 -4.68
C ASP A 215 12.07 20.06 -5.27
N ASP A 216 12.58 18.85 -5.55
CA ASP A 216 13.83 18.74 -6.28
C ASP A 216 13.75 19.46 -7.61
N LEU A 217 12.59 19.36 -8.26
CA LEU A 217 12.41 19.92 -9.60
C LEU A 217 12.31 21.44 -9.51
N GLN A 218 11.43 21.94 -8.63
CA GLN A 218 11.33 23.37 -8.39
C GLN A 218 12.67 23.99 -8.03
N PHE A 219 13.43 23.29 -7.18
CA PHE A 219 14.71 23.79 -6.71
C PHE A 219 15.75 23.76 -7.84
N ASN A 220 15.72 22.71 -8.67
CA ASN A 220 16.61 22.67 -9.82
C ASN A 220 16.34 23.82 -10.77
N TYR A 221 15.06 24.14 -10.99
CA TYR A 221 14.71 25.25 -11.87
C TYR A 221 15.20 26.57 -11.30
N GLU A 222 14.93 26.82 -10.01
CA GLU A 222 15.31 28.10 -9.41
C GLU A 222 16.83 28.28 -9.37
N GLN A 223 17.56 27.22 -9.04
CA GLN A 223 19.00 27.35 -8.94
C GLN A 223 19.63 27.51 -10.32
N THR A 224 19.15 26.74 -11.30
CA THR A 224 19.61 26.91 -12.66
C THR A 224 19.35 28.33 -13.19
N VAL A 225 18.16 28.88 -12.95
CA VAL A 225 17.87 30.24 -13.39
C VAL A 225 18.84 31.22 -12.74
N SER A 226 19.11 31.06 -11.44
CA SER A 226 19.97 31.98 -10.72
C SER A 226 21.40 31.94 -11.26
N MET A 227 21.88 30.75 -11.61
CA MET A 227 23.21 30.63 -12.20
C MET A 227 23.32 31.37 -13.52
N PHE A 228 22.26 31.32 -14.34
CA PHE A 228 22.24 32.12 -15.57
C PHE A 228 22.32 33.59 -15.25
N GLU A 229 21.45 34.05 -14.33
CA GLU A 229 21.43 35.45 -13.93
C GLU A 229 22.80 35.91 -13.46
N LYS A 230 23.43 35.12 -12.57
CA LYS A 230 24.71 35.52 -12.00
C LYS A 230 25.83 35.52 -13.03
N LYS A 231 25.77 34.60 -14.00
CA LYS A 231 26.77 34.60 -15.05
C LYS A 231 26.63 35.83 -15.97
N ILE A 232 25.39 36.20 -16.28
CA ILE A 232 25.16 37.39 -17.11
C ILE A 232 25.71 38.62 -16.41
N VAL A 233 25.48 38.71 -15.10
CA VAL A 233 25.95 39.87 -14.33
C VAL A 233 27.46 39.96 -14.37
N TYR A 234 28.17 38.86 -14.10
CA TYR A 234 29.61 39.04 -13.99
C TYR A 234 30.28 39.19 -15.36
N ILE A 235 29.67 38.66 -16.43
CA ILE A 235 30.24 38.90 -17.75
C ILE A 235 30.00 40.34 -18.18
N GLU A 236 28.81 40.88 -17.90
CA GLU A 236 28.53 42.28 -18.17
C GLU A 236 29.42 43.21 -17.35
N ALA A 237 29.85 42.76 -16.17
CA ALA A 237 30.85 43.49 -15.41
C ALA A 237 32.20 43.49 -16.11
N GLN A 238 32.53 42.38 -16.80
CA GLN A 238 33.77 42.32 -17.57
C GLN A 238 33.70 43.27 -18.77
N ILE A 239 32.55 43.34 -19.43
CA ILE A 239 32.41 44.22 -20.60
C ILE A 239 32.51 45.69 -20.19
N ASN A 240 32.01 46.04 -19.00
CA ASN A 240 32.12 47.42 -18.52
C ASN A 240 33.54 47.79 -18.14
N GLU A 241 34.39 46.81 -17.82
CA GLU A 241 35.78 47.05 -17.46
C GLU A 241 36.67 47.25 -18.68
N ALA A 242 36.10 47.33 -19.88
CA ALA A 242 36.86 47.66 -21.08
C ALA A 242 36.32 48.93 -21.71
N LEU B 13 42.20 43.03 -6.87
CA LEU B 13 43.55 42.66 -6.47
C LEU B 13 43.54 41.53 -5.43
N ARG B 14 43.37 41.91 -4.16
CA ARG B 14 43.18 40.91 -3.13
C ARG B 14 41.79 40.30 -3.15
N ALA B 15 40.87 40.86 -3.94
CA ALA B 15 39.56 40.24 -4.10
C ALA B 15 39.71 38.83 -4.66
N THR B 16 40.53 38.68 -5.71
CA THR B 16 40.70 37.37 -6.34
C THR B 16 41.45 36.40 -5.44
N GLU B 17 42.47 36.87 -4.70
CA GLU B 17 43.14 36.03 -3.72
C GLU B 17 42.13 35.42 -2.75
N GLY B 18 41.22 36.24 -2.23
CA GLY B 18 40.28 35.75 -1.24
C GLY B 18 39.23 34.80 -1.80
N MET B 19 38.83 35.00 -3.06
CA MET B 19 37.81 34.12 -3.65
C MET B 19 38.39 32.74 -3.96
N VAL B 20 39.63 32.71 -4.41
CA VAL B 20 40.31 31.44 -4.68
C VAL B 20 40.44 30.61 -3.41
N HIS B 21 40.93 31.23 -2.33
CA HIS B 21 41.04 30.51 -1.06
C HIS B 21 39.67 30.02 -0.58
N ASP B 22 38.64 30.86 -0.76
CA ASP B 22 37.29 30.45 -0.41
C ASP B 22 36.81 29.31 -1.30
N TYR B 23 37.07 29.39 -2.60
CA TYR B 23 36.67 28.30 -3.49
C TYR B 23 37.32 26.98 -3.07
N GLU B 24 38.64 26.99 -2.85
CA GLU B 24 39.35 25.74 -2.62
C GLU B 24 38.95 25.09 -1.30
N GLN B 25 38.76 25.92 -0.25
CA GLN B 25 38.30 25.39 1.03
C GLN B 25 36.92 24.77 0.89
N ARG B 26 36.02 25.43 0.15
CA ARG B 26 34.66 24.93 0.04
C ARG B 26 34.56 23.73 -0.90
N ALA B 27 35.36 23.72 -1.97
CA ALA B 27 35.38 22.58 -2.90
C ALA B 27 35.85 21.32 -2.20
N GLN B 28 36.92 21.43 -1.42
CA GLN B 28 37.42 20.31 -0.63
C GLN B 28 36.38 19.86 0.39
N ALA B 29 35.79 20.81 1.13
CA ALA B 29 34.80 20.44 2.12
C ALA B 29 33.59 19.75 1.50
N LEU B 30 33.17 20.18 0.30
CA LEU B 30 32.06 19.51 -0.38
C LEU B 30 32.45 18.10 -0.81
N LYS B 31 33.66 17.95 -1.36
CA LYS B 31 34.15 16.63 -1.73
C LYS B 31 34.07 15.67 -0.55
N GLU B 32 34.58 16.10 0.61
CA GLU B 32 34.66 15.21 1.76
C GLU B 32 33.29 14.92 2.34
N ASN B 33 32.40 15.92 2.34
CA ASN B 33 31.06 15.72 2.87
C ASN B 33 30.27 14.76 2.00
N ILE B 34 30.33 14.92 0.67
CA ILE B 34 29.65 13.98 -0.21
C ILE B 34 30.19 12.57 0.00
N GLU B 35 31.52 12.44 0.09
CA GLU B 35 32.13 11.13 0.27
C GLU B 35 31.61 10.44 1.52
N ALA B 36 31.56 11.16 2.66
CA ALA B 36 31.09 10.55 3.90
C ALA B 36 29.63 10.16 3.79
N ALA B 37 28.80 11.03 3.18
CA ALA B 37 27.39 10.72 3.04
C ALA B 37 27.19 9.49 2.18
N ILE B 38 27.98 9.34 1.11
CA ILE B 38 27.85 8.16 0.25
C ILE B 38 28.18 6.89 1.05
N ASN B 39 29.34 6.87 1.72
CA ASN B 39 29.71 5.75 2.57
C ASN B 39 28.59 5.39 3.53
N LYS B 40 28.02 6.39 4.21
CA LYS B 40 26.91 6.14 5.13
C LYS B 40 25.77 5.40 4.42
N MET B 41 25.30 5.94 3.29
CA MET B 41 24.23 5.31 2.52
C MET B 41 24.60 3.89 2.10
N ASN B 42 25.79 3.72 1.51
CA ASN B 42 26.25 2.40 1.07
C ASN B 42 26.28 1.41 2.24
N GLY B 43 26.45 1.90 3.47
CA GLY B 43 26.54 1.04 4.62
C GLY B 43 25.24 0.69 5.29
N VAL B 44 24.12 1.34 4.91
CA VAL B 44 22.84 1.01 5.51
C VAL B 44 22.47 -0.42 5.18
N GLU B 45 22.10 -1.20 6.20
CA GLU B 45 21.57 -2.54 6.00
C GLU B 45 20.06 -2.49 6.22
N PRO B 46 19.25 -2.77 5.21
CA PRO B 46 17.79 -2.78 5.39
C PRO B 46 17.37 -3.67 6.55
N SER B 47 16.57 -3.11 7.44
CA SER B 47 15.96 -3.87 8.52
C SER B 47 14.89 -4.81 7.97
N ASP B 48 14.46 -5.74 8.82
CA ASP B 48 13.36 -6.64 8.50
C ASP B 48 12.10 -6.32 9.29
N GLU B 49 12.17 -5.39 10.24
CA GLU B 49 11.03 -5.01 11.06
C GLU B 49 10.40 -3.75 10.51
N TYR B 50 9.05 -3.74 10.44
CA TYR B 50 8.33 -2.69 9.73
C TYR B 50 8.70 -1.29 10.23
N HIS B 51 8.66 -1.09 11.55
CA HIS B 51 8.91 0.26 12.05
C HIS B 51 10.35 0.71 11.80
N GLN B 52 11.31 -0.21 11.86
CA GLN B 52 12.68 0.16 11.56
C GLN B 52 12.85 0.54 10.09
N VAL B 53 12.31 -0.28 9.18
CA VAL B 53 12.42 0.00 7.74
C VAL B 53 11.73 1.31 7.40
N LYS B 54 10.56 1.53 8.00
CA LYS B 54 9.87 2.81 7.85
C LYS B 54 10.78 3.97 8.23
N GLU B 55 11.47 3.85 9.37
CA GLU B 55 12.35 4.92 9.82
C GLU B 55 13.62 5.03 8.99
N GLN B 56 14.10 3.90 8.45
CA GLN B 56 15.20 4.00 7.48
C GLN B 56 14.75 4.78 6.24
N ILE B 57 13.55 4.50 5.74
CA ILE B 57 13.05 5.25 4.60
C ILE B 57 12.86 6.71 4.98
N ASN B 58 12.42 6.96 6.22
CA ASN B 58 12.25 8.32 6.70
C ASN B 58 13.55 9.12 6.60
N GLU B 59 14.68 8.47 6.87
CA GLU B 59 15.94 9.19 6.89
C GLU B 59 16.42 9.56 5.49
N THR B 60 16.13 8.72 4.49
CA THR B 60 16.46 9.07 3.12
C THR B 60 15.66 10.27 2.66
N LYS B 61 14.39 10.36 3.06
CA LYS B 61 13.61 11.54 2.71
C LYS B 61 14.17 12.78 3.40
N ASN B 62 14.71 12.63 4.62
CA ASN B 62 15.32 13.76 5.30
C ASN B 62 16.67 14.12 4.69
N TYR B 63 17.42 13.13 4.18
CA TYR B 63 18.58 13.47 3.35
C TYR B 63 18.14 14.25 2.12
N ARG B 64 17.03 13.82 1.50
CA ARG B 64 16.57 14.41 0.26
C ARG B 64 16.30 15.91 0.40
N LYS B 65 15.72 16.33 1.51
CA LYS B 65 15.42 17.75 1.69
C LYS B 65 16.42 18.46 2.59
N GLY B 66 17.44 17.77 3.07
CA GLY B 66 18.44 18.37 3.91
C GLY B 66 19.77 18.52 3.19
N ASP B 67 20.70 17.60 3.46
CA ASP B 67 22.05 17.75 2.91
C ASP B 67 22.07 17.61 1.38
N LYS B 68 21.13 16.85 0.80
CA LYS B 68 21.11 16.71 -0.66
C LYS B 68 20.95 18.07 -1.33
N ARG B 69 19.97 18.86 -0.88
CA ARG B 69 19.80 20.21 -1.39
C ARG B 69 21.04 21.07 -1.11
N ALA B 70 21.63 20.90 0.08
CA ALA B 70 22.77 21.73 0.45
C ALA B 70 23.97 21.45 -0.45
N PHE B 71 24.21 20.17 -0.76
CA PHE B 71 25.31 19.80 -1.67
C PHE B 71 25.06 20.29 -3.09
N ILE B 72 23.81 20.20 -3.56
CA ILE B 72 23.49 20.64 -4.91
C ILE B 72 23.62 22.16 -5.02
N LYS B 73 23.07 22.88 -4.04
CA LYS B 73 23.22 24.33 -4.03
C LYS B 73 24.69 24.74 -4.00
N GLU B 74 25.50 24.04 -3.18
CA GLU B 74 26.90 24.43 -2.99
C GLU B 74 27.72 24.13 -4.24
N GLN B 75 27.45 23.00 -4.89
CA GLN B 75 28.09 22.74 -6.18
C GLN B 75 27.80 23.86 -7.18
N GLY B 76 26.54 24.31 -7.24
CA GLY B 76 26.21 25.37 -8.18
C GLY B 76 26.81 26.70 -7.78
N ASP B 77 26.81 27.00 -6.47
CA ASP B 77 27.48 28.19 -5.96
C ASP B 77 28.96 28.19 -6.29
N LEU B 78 29.59 27.02 -6.24
CA LEU B 78 31.02 26.95 -6.51
C LEU B 78 31.31 27.04 -8.01
N ALA B 79 30.42 26.48 -8.84
CA ALA B 79 30.54 26.68 -10.28
C ALA B 79 30.49 28.17 -10.62
N THR B 80 29.53 28.87 -10.02
CA THR B 80 29.40 30.30 -10.21
C THR B 80 30.66 31.02 -9.75
N LEU B 81 31.19 30.63 -8.58
CA LEU B 81 32.35 31.33 -8.02
C LEU B 81 33.58 31.11 -8.88
N PHE B 82 33.81 29.88 -9.33
CA PHE B 82 34.87 29.61 -10.29
C PHE B 82 34.70 30.50 -11.53
N GLY B 83 33.46 30.66 -12.00
CA GLY B 83 33.21 31.57 -13.11
C GLY B 83 33.59 33.00 -12.78
N GLN B 84 33.19 33.49 -11.59
CA GLN B 84 33.48 34.87 -11.21
C GLN B 84 34.98 35.11 -11.14
N ILE B 85 35.71 34.16 -10.56
CA ILE B 85 37.16 34.30 -10.43
C ILE B 85 37.82 34.48 -11.80
N ASN B 86 37.50 33.58 -12.73
CA ASN B 86 38.16 33.64 -14.03
C ASN B 86 37.68 34.83 -14.87
N SER B 87 36.41 35.22 -14.72
CA SER B 87 35.96 36.47 -15.34
C SER B 87 36.77 37.65 -14.84
N LYS B 88 37.00 37.72 -13.51
CA LYS B 88 37.82 38.79 -12.96
C LYS B 88 39.25 38.74 -13.48
N LEU B 89 39.83 37.53 -13.52
CA LEU B 89 41.20 37.40 -14.01
C LEU B 89 41.31 37.76 -15.49
N ARG B 90 40.36 37.30 -16.31
CA ARG B 90 40.40 37.65 -17.73
C ARG B 90 40.27 39.16 -17.95
N GLY B 91 39.39 39.81 -17.19
CA GLY B 91 39.29 41.26 -17.31
C GLY B 91 40.61 41.96 -17.03
N MET B 92 41.37 41.44 -16.07
CA MET B 92 42.66 42.00 -15.68
C MET B 92 43.80 41.54 -16.60
N LYS B 93 43.49 40.79 -17.66
CA LYS B 93 44.48 40.24 -18.59
C LYS B 93 45.47 39.30 -17.91
N ARG B 94 45.00 38.56 -16.91
CA ARG B 94 45.84 37.64 -16.15
C ARG B 94 45.60 36.20 -16.58
N PRO B 95 46.49 35.27 -16.24
CA PRO B 95 46.26 33.85 -16.57
C PRO B 95 45.07 33.31 -15.79
N VAL B 96 44.46 32.25 -16.33
CA VAL B 96 43.24 31.72 -15.73
C VAL B 96 43.59 30.93 -14.49
N TYR B 97 42.64 30.90 -13.55
CA TYR B 97 42.77 30.08 -12.36
C TYR B 97 42.37 28.64 -12.67
N VAL B 98 43.23 27.68 -12.30
CA VAL B 98 42.94 26.26 -12.45
C VAL B 98 42.82 25.65 -11.06
N ALA B 99 41.67 25.06 -10.77
CA ALA B 99 41.44 24.49 -9.45
C ALA B 99 42.38 23.32 -9.19
N PRO B 100 42.69 23.02 -7.93
CA PRO B 100 43.47 21.81 -7.63
C PRO B 100 42.75 20.57 -8.11
N GLU B 101 43.55 19.53 -8.41
CA GLU B 101 43.03 18.27 -8.95
C GLU B 101 41.87 17.75 -8.11
N GLY B 102 40.79 17.36 -8.80
CA GLY B 102 39.59 16.89 -8.17
C GLY B 102 38.67 17.96 -7.63
N LEU B 103 39.07 19.22 -7.63
CA LEU B 103 38.24 20.28 -7.05
C LEU B 103 37.63 21.20 -8.09
N ASP B 104 37.85 20.95 -9.38
CA ASP B 104 37.25 21.76 -10.42
C ASP B 104 35.74 21.57 -10.43
N PRO B 105 34.98 22.54 -10.97
CA PRO B 105 33.50 22.39 -11.00
C PRO B 105 33.02 21.08 -11.63
N LYS B 106 33.70 20.58 -12.67
CA LYS B 106 33.25 19.33 -13.29
C LYS B 106 33.42 18.15 -12.35
N SER B 107 34.50 18.13 -11.56
CA SER B 107 34.65 17.06 -10.58
C SER B 107 33.55 17.12 -9.53
N LEU B 108 33.26 18.33 -9.02
CA LEU B 108 32.19 18.49 -8.04
C LEU B 108 30.86 18.00 -8.59
N GLU B 109 30.59 18.30 -9.85
CA GLU B 109 29.39 17.81 -10.52
C GLU B 109 29.35 16.28 -10.53
N GLY B 110 30.51 15.64 -10.75
CA GLY B 110 30.56 14.19 -10.69
C GLY B 110 30.36 13.63 -9.29
N TYR B 111 30.82 14.35 -8.26
CA TYR B 111 30.51 13.90 -6.90
C TYR B 111 29.01 14.02 -6.62
N ILE B 112 28.36 15.05 -7.17
CA ILE B 112 26.90 15.12 -7.07
C ILE B 112 26.27 13.91 -7.78
N ALA B 113 26.76 13.59 -8.98
CA ALA B 113 26.33 12.38 -9.68
C ALA B 113 26.54 11.13 -8.83
N ASN B 114 27.66 11.03 -8.14
CA ASN B 114 27.94 9.84 -7.33
C ASN B 114 26.94 9.69 -6.19
N ILE B 115 26.69 10.76 -5.44
CA ILE B 115 25.78 10.61 -4.30
C ILE B 115 24.35 10.42 -4.79
N SER B 116 24.01 11.01 -5.95
CA SER B 116 22.70 10.75 -6.51
C SER B 116 22.49 9.26 -6.77
N GLU B 117 23.52 8.57 -7.29
CA GLU B 117 23.40 7.15 -7.56
C GLU B 117 23.31 6.34 -6.27
N ALA B 118 24.11 6.70 -5.26
CA ALA B 118 24.04 6.01 -3.97
C ALA B 118 22.67 6.18 -3.34
N GLU B 119 22.09 7.38 -3.47
CA GLU B 119 20.74 7.61 -2.98
C GLU B 119 19.74 6.71 -3.67
N ARG B 120 19.81 6.62 -5.00
CA ARG B 120 18.86 5.82 -5.75
C ARG B 120 18.95 4.34 -5.35
N ALA B 121 20.17 3.80 -5.30
CA ALA B 121 20.36 2.39 -4.99
C ALA B 121 19.79 2.06 -3.61
N LEU B 122 20.10 2.88 -2.61
CA LEU B 122 19.60 2.65 -1.26
C LEU B 122 18.08 2.74 -1.21
N ARG B 123 17.50 3.68 -1.94
CA ARG B 123 16.06 3.87 -1.87
C ARG B 123 15.32 2.64 -2.38
N SER B 124 15.82 2.01 -3.45
CA SER B 124 15.17 0.80 -3.94
C SER B 124 15.42 -0.36 -2.98
N LYS B 125 16.65 -0.46 -2.44
CA LYS B 125 16.95 -1.44 -1.41
C LYS B 125 15.92 -1.39 -0.29
N LEU B 126 15.66 -0.19 0.22
CA LEU B 126 14.71 -0.03 1.32
C LEU B 126 13.29 -0.30 0.86
N ASN B 127 12.95 0.05 -0.39
CA ASN B 127 11.60 -0.18 -0.86
C ASN B 127 11.28 -1.67 -0.96
N THR B 128 12.27 -2.51 -1.32
CA THR B 128 12.01 -3.94 -1.36
C THR B 128 11.95 -4.54 0.04
N ALA B 129 12.81 -4.08 0.95
CA ALA B 129 12.68 -4.51 2.33
C ALA B 129 11.29 -4.21 2.85
N MET B 130 10.76 -3.03 2.53
CA MET B 130 9.43 -2.68 2.99
C MET B 130 8.37 -3.57 2.36
N ARG B 131 8.49 -3.86 1.05
CA ARG B 131 7.54 -4.76 0.41
C ARG B 131 7.56 -6.14 1.04
N ASN B 132 8.76 -6.72 1.20
CA ASN B 132 8.87 -8.03 1.84
C ASN B 132 8.38 -8.00 3.28
N CYS B 133 8.58 -6.87 3.96
CA CYS B 133 8.09 -6.74 5.33
C CYS B 133 6.56 -6.86 5.38
N LEU B 134 5.86 -6.13 4.51
CA LEU B 134 4.40 -6.19 4.50
C LEU B 134 3.91 -7.56 4.05
N ILE B 135 4.67 -8.25 3.19
CA ILE B 135 4.32 -9.61 2.82
C ILE B 135 4.39 -10.54 4.04
N ALA B 136 5.51 -10.47 4.78
CA ALA B 136 5.65 -11.29 5.98
C ALA B 136 4.54 -11.00 6.99
N LEU B 137 4.24 -9.72 7.20
CA LEU B 137 3.13 -9.37 8.10
C LEU B 137 1.83 -10.02 7.65
N ARG B 138 1.54 -9.97 6.34
CA ARG B 138 0.33 -10.60 5.82
C ARG B 138 0.33 -12.10 6.05
N LYS B 139 1.47 -12.76 5.83
CA LYS B 139 1.55 -14.21 6.03
C LYS B 139 1.44 -14.57 7.51
N ALA B 140 2.06 -13.76 8.37
CA ALA B 140 1.96 -14.02 9.81
C ALA B 140 0.51 -14.07 10.28
N PHE B 141 -0.36 -13.29 9.66
CA PHE B 141 -1.79 -13.42 9.94
C PHE B 141 -2.39 -14.60 9.19
N ALA B 142 -2.08 -14.71 7.90
CA ALA B 142 -2.82 -15.61 7.02
C ALA B 142 -2.65 -17.07 7.39
N ASP B 143 -1.42 -17.48 7.72
CA ASP B 143 -1.17 -18.91 7.95
C ASP B 143 -1.92 -19.47 9.15
N PRO B 144 -1.80 -18.90 10.37
CA PRO B 144 -2.66 -19.40 11.46
C PRO B 144 -4.14 -19.12 11.24
N ALA B 145 -4.50 -18.03 10.55
CA ALA B 145 -5.91 -17.78 10.28
C ALA B 145 -6.50 -18.85 9.39
N ASN B 146 -5.78 -19.23 8.34
CA ASN B 146 -6.27 -20.27 7.45
C ASN B 146 -6.34 -21.61 8.18
N ALA B 147 -5.35 -21.89 9.02
CA ALA B 147 -5.35 -23.17 9.72
C ALA B 147 -6.51 -23.24 10.70
N THR B 148 -6.77 -22.16 11.43
CA THR B 148 -7.83 -22.19 12.43
C THR B 148 -9.21 -22.21 11.77
N ASP B 149 -9.34 -21.53 10.63
CA ASP B 149 -10.57 -21.54 9.86
C ASP B 149 -10.93 -22.96 9.42
N ALA B 150 -9.93 -23.69 8.89
CA ALA B 150 -10.17 -25.07 8.48
C ALA B 150 -10.54 -25.93 9.68
N LYS B 151 -9.88 -25.71 10.82
CA LYS B 151 -10.16 -26.50 12.02
C LYS B 151 -11.59 -26.28 12.49
N ILE B 152 -12.00 -25.02 12.61
CA ILE B 152 -13.38 -24.73 13.00
C ILE B 152 -14.36 -25.39 12.04
N ASN B 153 -14.09 -25.26 10.73
CA ASN B 153 -15.00 -25.81 9.73
C ASN B 153 -15.09 -27.33 9.82
N GLU B 154 -14.04 -28.00 10.26
CA GLU B 154 -14.13 -29.43 10.52
C GLU B 154 -15.21 -29.74 11.55
N TYR B 155 -15.27 -28.96 12.63
CA TYR B 155 -16.31 -29.16 13.63
C TYR B 155 -17.66 -28.68 13.13
N ARG B 156 -17.68 -27.63 12.28
CA ARG B 156 -18.93 -27.23 11.66
C ARG B 156 -19.50 -28.37 10.81
N THR B 157 -18.65 -29.03 10.01
CA THR B 157 -19.09 -30.19 9.24
C THR B 157 -19.63 -31.30 10.14
N PHE B 158 -18.96 -31.54 11.27
CA PHE B 158 -19.43 -32.61 12.16
C PHE B 158 -20.82 -32.31 12.71
N VAL B 159 -21.03 -31.10 13.22
CA VAL B 159 -22.29 -30.82 13.91
C VAL B 159 -23.47 -30.68 12.93
N THR B 160 -23.21 -30.44 11.65
CA THR B 160 -24.25 -30.35 10.63
C THR B 160 -24.43 -31.65 9.88
N ASP B 161 -23.70 -32.70 10.24
CA ASP B 161 -24.00 -34.05 9.80
C ASP B 161 -25.06 -34.66 10.71
N GLU B 162 -26.15 -35.16 10.12
CA GLU B 162 -27.21 -35.83 10.88
C GLU B 162 -27.25 -37.33 10.58
N THR B 163 -26.10 -37.96 10.46
CA THR B 163 -25.99 -39.40 10.25
C THR B 163 -25.39 -39.99 11.51
N SER B 164 -26.26 -40.38 12.44
CA SER B 164 -25.83 -41.02 13.67
C SER B 164 -26.88 -42.03 14.10
N GLU B 165 -26.57 -43.31 13.96
CA GLU B 165 -27.44 -44.39 14.44
C GLU B 165 -26.86 -44.89 15.76
N ALA B 166 -27.17 -44.17 16.83
CA ALA B 166 -26.65 -44.49 18.14
C ALA B 166 -27.65 -44.02 19.18
N PRO B 167 -27.60 -44.56 20.39
CA PRO B 167 -28.48 -44.05 21.44
C PRO B 167 -28.25 -42.57 21.66
N LEU B 168 -29.33 -41.87 22.04
CA LEU B 168 -29.27 -40.42 22.18
C LEU B 168 -28.26 -40.01 23.24
N GLU B 169 -28.24 -40.70 24.39
CA GLU B 169 -27.23 -40.47 25.40
C GLU B 169 -25.83 -40.52 24.82
N GLU B 170 -25.61 -41.38 23.83
CA GLU B 170 -24.28 -41.51 23.23
C GLU B 170 -24.00 -40.39 22.25
N GLN B 171 -25.01 -39.97 21.49
CA GLN B 171 -24.83 -38.79 20.62
C GLN B 171 -24.54 -37.56 21.47
N VAL B 172 -25.26 -37.38 22.58
CA VAL B 172 -25.02 -36.24 23.45
C VAL B 172 -23.58 -36.22 23.95
N ALA B 173 -23.09 -37.39 24.40
CA ALA B 173 -21.72 -37.47 24.90
C ALA B 173 -20.72 -37.18 23.78
N THR B 174 -20.90 -37.83 22.62
CA THR B 174 -20.02 -37.57 21.49
C THR B 174 -20.03 -36.10 21.09
N LEU B 175 -21.21 -35.49 21.07
CA LEU B 175 -21.29 -34.06 20.74
C LEU B 175 -20.60 -33.22 21.80
N LYS B 176 -20.75 -33.58 23.07
CA LYS B 176 -20.03 -32.86 24.11
C LYS B 176 -18.53 -33.10 23.99
N ALA B 177 -18.12 -34.33 23.67
CA ALA B 177 -16.69 -34.61 23.48
C ALA B 177 -16.12 -33.81 22.31
N LYS B 178 -16.89 -33.70 21.22
CA LYS B 178 -16.41 -32.94 20.08
C LYS B 178 -16.39 -31.45 20.40
N LEU B 179 -17.39 -30.99 21.15
CA LEU B 179 -17.45 -29.59 21.55
C LEU B 179 -16.24 -29.22 22.38
N GLU B 180 -15.92 -30.05 23.38
CA GLU B 180 -14.75 -29.78 24.22
C GLU B 180 -13.48 -29.69 23.37
N GLU B 181 -13.35 -30.56 22.35
CA GLU B 181 -12.21 -30.43 21.44
C GLU B 181 -12.26 -29.08 20.73
N LEU B 182 -13.43 -28.67 20.27
CA LEU B 182 -13.56 -27.41 19.54
C LEU B 182 -13.16 -26.23 20.41
N LYS B 183 -13.54 -26.26 21.69
CA LYS B 183 -13.22 -25.13 22.57
C LYS B 183 -11.71 -24.97 22.79
N GLN B 184 -10.91 -25.99 22.47
CA GLN B 184 -9.46 -25.78 22.47
C GLN B 184 -9.03 -24.73 21.47
N VAL B 185 -9.88 -24.44 20.47
CA VAL B 185 -9.52 -23.49 19.44
C VAL B 185 -9.49 -22.07 19.97
N GLU B 186 -10.36 -21.75 20.95
CA GLU B 186 -10.48 -20.38 21.43
C GLU B 186 -9.14 -19.83 21.89
N ALA B 187 -8.31 -20.68 22.52
CA ALA B 187 -7.00 -20.22 22.97
C ALA B 187 -6.08 -19.87 21.81
N GLN B 188 -6.36 -20.38 20.61
CA GLN B 188 -5.56 -20.04 19.44
C GLN B 188 -5.91 -18.67 18.85
N LEU B 189 -7.04 -18.08 19.22
CA LEU B 189 -7.52 -16.86 18.57
C LEU B 189 -6.75 -15.58 18.94
N PRO B 190 -6.40 -15.34 20.20
CA PRO B 190 -5.70 -14.08 20.56
C PRO B 190 -4.42 -13.86 19.76
N PRO B 191 -3.57 -14.87 19.55
CA PRO B 191 -2.39 -14.61 18.68
C PRO B 191 -2.77 -14.21 17.27
N ILE B 192 -3.92 -14.65 16.77
CA ILE B 192 -4.28 -14.31 15.40
C ILE B 192 -4.79 -12.88 15.31
N GLU B 193 -5.51 -12.42 16.34
CA GLU B 193 -5.94 -11.03 16.37
C GLU B 193 -4.74 -10.08 16.43
N GLU B 194 -3.71 -10.46 17.19
CA GLU B 194 -2.52 -9.62 17.27
C GLU B 194 -1.81 -9.55 15.93
N ALA B 195 -1.80 -10.67 15.19
CA ALA B 195 -1.26 -10.63 13.83
C ALA B 195 -2.05 -9.69 12.94
N GLU B 196 -3.37 -9.60 13.14
CA GLU B 196 -4.14 -8.64 12.35
C GLU B 196 -3.82 -7.22 12.78
N LYS B 197 -3.79 -6.96 14.09
CA LYS B 197 -3.41 -5.63 14.57
C LYS B 197 -2.05 -5.22 14.03
N ALA B 198 -1.11 -6.16 13.95
CA ALA B 198 0.20 -5.85 13.39
C ALA B 198 0.08 -5.40 11.93
N CYS B 199 -0.81 -6.04 11.16
CA CYS B 199 -1.04 -5.58 9.80
C CYS B 199 -1.63 -4.17 9.79
N GLU B 200 -2.58 -3.91 10.69
CA GLU B 200 -3.23 -2.60 10.74
C GLU B 200 -2.27 -1.51 11.18
N ASP B 201 -1.23 -1.86 11.94
CA ASP B 201 -0.22 -0.86 12.29
C ASP B 201 0.61 -0.47 11.07
N ALA B 202 0.85 -1.41 10.17
CA ALA B 202 1.58 -1.12 8.95
C ALA B 202 0.67 -0.62 7.84
N ASN B 203 -0.59 -0.35 8.15
CA ASN B 203 -1.56 0.18 7.20
C ASN B 203 -1.70 -0.75 6.00
N ILE B 204 -1.64 -2.06 6.26
CA ILE B 204 -1.91 -3.06 5.24
C ILE B 204 -3.42 -3.13 5.02
N GLU B 205 -3.84 -3.00 3.77
CA GLU B 205 -5.26 -2.94 3.45
C GLU B 205 -5.75 -4.14 2.65
N ASP B 206 -4.88 -5.09 2.33
CA ASP B 206 -5.26 -6.22 1.50
C ASP B 206 -4.46 -7.45 1.93
N ASN B 207 -5.07 -8.63 1.77
CA ASN B 207 -4.36 -9.89 2.05
C ASN B 207 -4.75 -10.95 1.02
N GLU B 208 -3.90 -11.08 0.00
CA GLU B 208 -4.06 -12.09 -1.04
C GLU B 208 -4.02 -13.51 -0.48
N TYR B 209 -3.32 -13.72 0.63
CA TYR B 209 -3.02 -15.06 1.13
C TYR B 209 -4.11 -15.64 2.02
N THR B 210 -5.23 -14.93 2.22
CA THR B 210 -6.29 -15.44 3.07
C THR B 210 -7.61 -14.82 2.65
N ASP B 211 -8.68 -15.57 2.88
CA ASP B 211 -10.04 -15.13 2.59
C ASP B 211 -10.77 -14.72 3.86
N VAL B 212 -10.09 -14.69 5.00
CA VAL B 212 -10.72 -14.56 6.31
C VAL B 212 -10.05 -13.43 7.07
N SER B 213 -10.87 -12.55 7.65
CA SER B 213 -10.41 -11.57 8.62
C SER B 213 -10.54 -12.17 10.02
N PHE B 214 -9.99 -11.47 11.02
CA PHE B 214 -10.10 -12.01 12.37
C PHE B 214 -11.54 -12.09 12.82
N ASP B 215 -12.34 -11.07 12.48
CA ASP B 215 -13.74 -11.11 12.88
C ASP B 215 -14.48 -12.27 12.20
N ASP B 216 -14.14 -12.56 10.93
CA ASP B 216 -14.68 -13.74 10.27
C ASP B 216 -14.40 -15.00 11.09
N LEU B 217 -13.15 -15.15 11.55
CA LEU B 217 -12.74 -16.34 12.28
C LEU B 217 -13.44 -16.43 13.63
N GLN B 218 -13.45 -15.32 14.37
CA GLN B 218 -14.14 -15.28 15.65
C GLN B 218 -15.62 -15.64 15.49
N PHE B 219 -16.29 -15.05 14.51
CA PHE B 219 -17.70 -15.33 14.27
C PHE B 219 -17.92 -16.80 13.97
N ASN B 220 -17.11 -17.36 13.05
CA ASN B 220 -17.22 -18.78 12.74
C ASN B 220 -17.07 -19.62 13.99
N TYR B 221 -16.10 -19.30 14.84
CA TYR B 221 -15.94 -20.06 16.08
C TYR B 221 -17.17 -19.91 16.98
N GLU B 222 -17.63 -18.67 17.16
CA GLU B 222 -18.79 -18.42 18.02
C GLU B 222 -20.04 -19.14 17.50
N GLN B 223 -20.27 -19.13 16.19
CA GLN B 223 -21.48 -19.78 15.66
C GLN B 223 -21.37 -21.30 15.70
N THR B 224 -20.19 -21.83 15.39
CA THR B 224 -20.03 -23.29 15.38
C THR B 224 -20.20 -23.85 16.79
N VAL B 225 -19.60 -23.20 17.79
CA VAL B 225 -19.83 -23.60 19.19
C VAL B 225 -21.32 -23.58 19.49
N SER B 226 -22.01 -22.50 19.12
CA SER B 226 -23.42 -22.37 19.47
C SER B 226 -24.27 -23.44 18.79
N MET B 227 -23.89 -23.86 17.58
CA MET B 227 -24.63 -24.92 16.92
C MET B 227 -24.49 -26.23 17.67
N PHE B 228 -23.30 -26.49 18.23
CA PHE B 228 -23.11 -27.64 19.11
C PHE B 228 -24.01 -27.54 20.35
N GLU B 229 -24.00 -26.38 21.01
CA GLU B 229 -24.77 -26.22 22.24
C GLU B 229 -26.26 -26.42 22.00
N LYS B 230 -26.78 -25.90 20.89
CA LYS B 230 -28.21 -26.01 20.60
C LYS B 230 -28.57 -27.44 20.22
N LYS B 231 -27.69 -28.14 19.50
CA LYS B 231 -27.95 -29.53 19.18
C LYS B 231 -27.95 -30.39 20.44
N ILE B 232 -27.01 -30.13 21.34
CA ILE B 232 -27.00 -30.78 22.66
C ILE B 232 -28.36 -30.60 23.34
N VAL B 233 -28.84 -29.35 23.37
CA VAL B 233 -30.05 -29.06 24.14
C VAL B 233 -31.25 -29.80 23.58
N TYR B 234 -31.42 -29.81 22.24
CA TYR B 234 -32.63 -30.45 21.71
C TYR B 234 -32.53 -31.97 21.69
N ILE B 235 -31.33 -32.55 21.75
CA ILE B 235 -31.29 -33.99 21.94
C ILE B 235 -31.49 -34.34 23.42
N GLU B 236 -30.88 -33.57 24.33
CA GLU B 236 -31.17 -33.72 25.75
C GLU B 236 -32.67 -33.60 26.02
N ALA B 237 -33.34 -32.70 25.29
CA ALA B 237 -34.80 -32.58 25.41
C ALA B 237 -35.48 -33.85 24.97
N GLN B 238 -35.01 -34.47 23.88
CA GLN B 238 -35.62 -35.71 23.42
C GLN B 238 -35.39 -36.83 24.41
N ILE B 239 -34.30 -36.76 25.19
CA ILE B 239 -33.97 -37.84 26.14
C ILE B 239 -35.03 -37.94 27.23
N ASN B 240 -35.54 -36.80 27.71
CA ASN B 240 -36.56 -36.83 28.75
C ASN B 240 -37.98 -36.88 28.19
N GLU B 241 -38.13 -37.21 26.91
CA GLU B 241 -39.45 -37.33 26.29
C GLU B 241 -39.65 -38.71 25.70
#